data_3MAC
#
_entry.id   3MAC
#
_cell.length_a   83.668
_cell.length_b   41.741
_cell.length_c   98.602
_cell.angle_alpha   90.00
_cell.angle_beta   94.85
_cell.angle_gamma   90.00
#
_symmetry.space_group_name_H-M   'P 1 21 1'
#
loop_
_entity.id
_entity.type
_entity.pdbx_description
1 polymer 'Transmembrane glycoprotein'
2 polymer Fab8062
3 polymer Fab8062
4 water water
#
loop_
_entity_poly.entity_id
_entity_poly.type
_entity_poly.pdbx_seq_one_letter_code
_entity_poly.pdbx_strand_id
1 'polypeptide(L)'
;MQLLSGIVQQQNNLLRAIEAQQHLLQLTVWGIKQLQARILAGGSGGHTTWMEWDREINNYTSLIHSLIEESQNQQEKNEQ
ELLEGSSGGQLLSGIVQQQNNLLRAIEAQQHLLQLTVWGIKQLQARILAGGSGGHTTWMEWDREINNYTSLIHSLIEESQ
NQQEKNEQELLEGSSGGQLLSGIVQQQNNLLRAIEAQQHLLQLTVWGIKQLQARILA
;
A
2 'polypeptide(L)'
;QVQLVQSGAEVKKPGSSVKVSCKASGGTFNSYAFSWVRQAPGQGLEWMGSIIPLFGFVVYAQKFQGRVTITADESTSTAY
MELSSLRSEDTAVYYCARYFDTYNNYGFANWGQGTLVTVSSASTKGPSVFPLAPSSKSTSGGTAALGCLVKDYFPEPVTV
SWNSGALTSGVHTFPAVLQSSGLYSLSSVVTVPSSSLGTQTYICNVNHKPSNTKVDKKVEPKSEFEQKLISEEDLNGAPH
HHHHH
;
H
3 'polypeptide(L)'
;DIELTQPPSVSVVPGQTARISCSGDNIPYEYASWYQQKPGQAPVLVIYGDNNRPSGIPERFSGSNSGNTATLTISGTQAE
DEADYYCASWDSMTVDGVFGGGTKLTVLGQPKAAPSVTLFPPSSEELQANKATLVCLISDFYPGAVTVAWKADSSPVKAG
VETTTPSKQSNNKYAASSYLSLTPEQWKSHRSYSCQVTHEGSTVEKTVAPTEA
;
L
#
# COMPACT_ATOMS: atom_id res chain seq x y z
N MET A 1 11.57 46.90 15.91
CA MET A 1 10.28 47.21 15.25
C MET A 1 10.04 46.23 14.09
N GLN A 2 9.39 46.71 13.04
CA GLN A 2 8.89 45.85 11.97
C GLN A 2 9.94 45.52 10.92
N LEU A 3 11.07 46.21 10.97
CA LEU A 3 12.14 45.88 10.05
C LEU A 3 12.67 44.44 10.25
N LEU A 4 13.02 44.07 11.48
CA LEU A 4 13.59 42.75 11.70
C LEU A 4 12.53 41.65 11.54
N SER A 5 11.34 41.84 12.12
CA SER A 5 10.22 40.91 11.88
C SER A 5 9.97 40.69 10.39
N GLY A 6 9.95 41.77 9.60
CA GLY A 6 9.81 41.66 8.15
C GLY A 6 10.92 40.87 7.49
N ILE A 7 12.12 40.89 8.06
CA ILE A 7 13.24 40.11 7.51
C ILE A 7 13.14 38.62 7.83
N VAL A 8 12.73 38.30 9.06
CA VAL A 8 12.47 36.93 9.50
C VAL A 8 11.32 36.36 8.68
N GLN A 9 10.31 37.17 8.42
CA GLN A 9 9.18 36.74 7.62
C GLN A 9 9.62 36.35 6.19
N GLN A 10 10.49 37.15 5.58
CA GLN A 10 10.87 36.93 4.20
C GLN A 10 11.81 35.72 4.12
N GLN A 11 12.62 35.53 5.16
CA GLN A 11 13.43 34.31 5.26
C GLN A 11 12.57 33.04 5.33
N ASN A 12 11.40 33.14 5.95
CA ASN A 12 10.49 32.00 5.98
C ASN A 12 10.03 31.68 4.56
N ASN A 13 9.61 32.71 3.84
CA ASN A 13 9.22 32.62 2.44
C ASN A 13 10.33 32.00 1.59
N LEU A 14 11.56 32.50 1.76
CA LEU A 14 12.71 31.99 0.98
C LEU A 14 13.02 30.49 1.24
N LEU A 15 12.93 30.07 2.49
CA LEU A 15 13.12 28.65 2.81
C LEU A 15 12.02 27.82 2.17
N ARG A 16 10.79 28.33 2.15
CA ARG A 16 9.69 27.68 1.45
C ARG A 16 9.94 27.50 -0.06
N ALA A 17 10.54 28.50 -0.69
CA ALA A 17 10.85 28.45 -2.11
C ALA A 17 11.91 27.40 -2.37
N ILE A 18 12.89 27.35 -1.47
CA ILE A 18 13.95 26.35 -1.55
C ILE A 18 13.41 24.92 -1.35
N GLU A 19 12.43 24.75 -0.47
CA GLU A 19 11.80 23.43 -0.28
C GLU A 19 11.08 22.99 -1.55
N ALA A 20 10.37 23.95 -2.17
CA ALA A 20 9.55 23.69 -3.36
C ALA A 20 10.44 23.36 -4.55
N GLN A 21 11.57 24.04 -4.62
CA GLN A 21 12.51 23.86 -5.68
C GLN A 21 13.19 22.54 -5.54
N GLN A 22 13.58 22.21 -4.31
CA GLN A 22 14.11 20.89 -3.99
C GLN A 22 13.18 19.74 -4.44
N HIS A 23 11.88 19.89 -4.18
CA HIS A 23 10.88 18.95 -4.66
C HIS A 23 10.95 18.77 -6.19
N LEU A 24 10.95 19.87 -6.94
CA LEU A 24 11.05 19.75 -8.39
C LEU A 24 12.39 19.11 -8.80
N LEU A 25 13.49 19.55 -8.20
CA LEU A 25 14.79 18.95 -8.44
C LEU A 25 14.77 17.45 -8.25
N GLN A 26 14.13 17.01 -7.18
CA GLN A 26 14.03 15.58 -6.88
C GLN A 26 13.40 14.85 -8.08
N LEU A 27 12.25 15.34 -8.51
CA LEU A 27 11.55 14.84 -9.67
C LEU A 27 12.46 14.70 -10.89
N THR A 28 13.22 15.75 -11.18
CA THR A 28 14.13 15.75 -12.33
C THR A 28 15.27 14.73 -12.18
N VAL A 29 15.81 14.61 -10.98
CA VAL A 29 16.83 13.61 -10.67
C VAL A 29 16.28 12.21 -10.89
N TRP A 30 15.09 11.95 -10.35
CA TRP A 30 14.40 10.69 -10.55
C TRP A 30 14.20 10.37 -12.03
N GLY A 31 13.73 11.38 -12.78
CA GLY A 31 13.45 11.22 -14.20
C GLY A 31 14.67 10.84 -15.01
N ILE A 32 15.81 11.43 -14.69
CA ILE A 32 17.08 11.12 -15.35
C ILE A 32 17.59 9.70 -15.04
N LYS A 33 17.60 9.33 -13.76
CA LYS A 33 17.95 7.95 -13.36
C LYS A 33 17.08 6.91 -14.07
N GLN A 34 15.79 7.23 -14.21
CA GLN A 34 14.85 6.36 -14.92
C GLN A 34 15.22 6.26 -16.39
N LEU A 35 15.54 7.39 -17.01
CA LEU A 35 15.90 7.38 -18.41
C LEU A 35 17.26 6.73 -18.63
N GLN A 36 18.17 6.93 -17.68
CA GLN A 36 19.47 6.27 -17.69
C GLN A 36 19.36 4.74 -17.78
N ALA A 37 18.46 4.16 -16.99
CA ALA A 37 18.22 2.72 -16.99
C ALA A 37 17.69 2.20 -18.34
N ARG A 38 16.64 2.83 -18.86
CA ARG A 38 16.01 2.47 -20.15
C ARG A 38 16.93 2.65 -21.37
N ILE A 39 17.75 3.70 -21.36
CA ILE A 39 18.64 4.05 -22.49
C ILE A 39 20.01 3.36 -22.43
N LEU A 40 20.48 3.05 -21.22
CA LEU A 40 21.84 2.51 -21.00
C LEU A 40 22.90 3.46 -21.60
N ALA A 41 22.95 4.69 -21.06
CA ALA A 41 23.87 5.71 -21.54
C ALA A 41 24.86 6.13 -20.47
N THR A 48 30.23 3.17 -15.66
CA THR A 48 31.01 3.35 -14.44
C THR A 48 31.09 4.83 -14.03
N THR A 49 31.19 5.70 -15.03
CA THR A 49 31.18 7.17 -14.82
C THR A 49 29.82 7.65 -14.31
N TRP A 50 28.79 6.81 -14.48
CA TRP A 50 27.44 7.11 -14.01
C TRP A 50 27.23 6.71 -12.55
N MET A 51 28.02 5.74 -12.07
CA MET A 51 28.01 5.33 -10.68
C MET A 51 28.50 6.46 -9.77
N GLU A 52 29.52 7.17 -10.23
CA GLU A 52 30.11 8.26 -9.44
C GLU A 52 29.24 9.51 -9.45
N TRP A 53 28.53 9.72 -10.56
CA TRP A 53 27.51 10.75 -10.67
C TRP A 53 26.40 10.48 -9.68
N ASP A 54 25.99 9.21 -9.62
CA ASP A 54 24.91 8.78 -8.72
C ASP A 54 25.30 8.96 -7.26
N ARG A 55 26.58 8.81 -6.97
CA ARG A 55 27.08 9.02 -5.62
C ARG A 55 27.10 10.52 -5.27
N GLU A 56 27.48 11.35 -6.21
CA GLU A 56 27.48 12.81 -6.00
C GLU A 56 26.06 13.34 -5.83
N ILE A 57 25.13 12.83 -6.63
CA ILE A 57 23.73 13.16 -6.51
C ILE A 57 23.25 12.88 -5.11
N ASN A 58 23.44 11.62 -4.67
CA ASN A 58 23.03 11.19 -3.34
C ASN A 58 23.71 11.97 -2.23
N ASN A 59 25.01 12.25 -2.38
CA ASN A 59 25.71 13.01 -1.35
C ASN A 59 25.20 14.42 -1.17
N TYR A 60 24.97 15.12 -2.28
CA TYR A 60 24.50 16.51 -2.24
C TYR A 60 23.02 16.62 -1.87
N THR A 61 22.29 15.54 -2.11
CA THR A 61 20.87 15.45 -1.75
C THR A 61 20.69 15.28 -0.24
N SER A 62 21.49 14.40 0.37
CA SER A 62 21.58 14.36 1.84
C SER A 62 21.89 15.74 2.41
N LEU A 63 22.97 16.35 1.90
CA LEU A 63 23.38 17.64 2.37
C LEU A 63 22.24 18.68 2.29
N ILE A 64 21.54 18.75 1.17
CA ILE A 64 20.41 19.70 1.04
C ILE A 64 19.33 19.44 2.06
N HIS A 65 18.99 18.17 2.27
CA HIS A 65 18.07 17.77 3.33
C HIS A 65 18.52 18.21 4.74
N SER A 66 19.81 18.06 5.05
CA SER A 66 20.38 18.63 6.29
C SER A 66 20.20 20.13 6.41
N LEU A 67 20.54 20.83 5.34
CA LEU A 67 20.45 22.29 5.30
C LEU A 67 19.04 22.81 5.49
N ILE A 68 18.09 22.20 4.76
CA ILE A 68 16.69 22.54 4.90
C ILE A 68 16.24 22.32 6.34
N GLU A 69 16.65 21.20 6.92
CA GLU A 69 16.26 20.90 8.28
C GLU A 69 16.82 21.93 9.28
N GLU A 70 18.13 22.14 9.24
CA GLU A 70 18.80 23.17 10.06
C GLU A 70 18.23 24.58 9.87
N SER A 71 17.86 24.94 8.63
CA SER A 71 17.18 26.23 8.37
C SER A 71 15.80 26.33 9.01
N GLN A 72 15.07 25.20 9.04
CA GLN A 72 13.79 25.12 9.75
C GLN A 72 13.95 25.34 11.25
N ASN A 73 14.99 24.72 11.81
CA ASN A 73 15.28 24.87 13.24
C ASN A 73 15.64 26.33 13.55
N GLN A 74 16.42 26.94 12.68
CA GLN A 74 16.88 28.30 12.90
C GLN A 74 15.75 29.30 12.73
N GLN A 75 14.86 29.04 11.77
CA GLN A 75 13.65 29.86 11.56
C GLN A 75 12.80 29.92 12.82
N GLU A 76 12.52 28.76 13.42
CA GLU A 76 11.76 28.67 14.66
C GLU A 76 12.38 29.47 15.80
N LYS A 77 13.68 29.28 16.03
CA LYS A 77 14.40 30.03 17.05
C LYS A 77 14.31 31.52 16.76
N ASN A 78 14.53 31.92 15.52
CA ASN A 78 14.44 33.34 15.16
C ASN A 78 13.07 33.93 15.49
N GLU A 79 12.01 33.20 15.14
CA GLU A 79 10.64 33.57 15.46
C GLU A 79 10.36 33.64 16.95
N GLN A 80 10.91 32.70 17.71
CA GLN A 80 10.89 32.74 19.17
C GLN A 80 11.53 34.00 19.70
N GLU A 81 12.65 34.40 19.10
CA GLU A 81 13.41 35.56 19.57
C GLU A 81 12.62 36.84 19.37
N LEU A 82 11.77 36.88 18.33
CA LEU A 82 10.85 37.98 18.09
C LEU A 82 9.70 38.00 19.08
N LEU A 83 9.10 36.82 19.30
CA LEU A 83 8.01 36.65 20.26
C LEU A 83 8.46 36.95 21.69
N GLU A 84 9.72 36.66 21.99
CA GLU A 84 10.34 37.01 23.26
C GLU A 84 10.38 38.52 23.50
N GLY A 85 10.27 39.31 22.43
N GLY A 89 21.27 41.72 19.31
CA GLY A 89 21.99 40.62 19.97
C GLY A 89 21.83 39.28 19.28
N GLN A 90 21.09 38.37 19.92
CA GLN A 90 20.88 37.03 19.39
C GLN A 90 19.96 36.95 18.16
N LEU A 91 19.10 37.96 17.98
CA LEU A 91 18.24 38.03 16.81
C LEU A 91 19.07 38.28 15.56
N LEU A 92 19.83 39.38 15.57
CA LEU A 92 20.80 39.71 14.51
C LEU A 92 21.70 38.53 14.14
N SER A 93 22.30 37.94 15.17
CA SER A 93 23.14 36.76 15.04
C SER A 93 22.41 35.64 14.29
N GLY A 94 21.23 35.28 14.77
CA GLY A 94 20.41 34.26 14.14
C GLY A 94 19.96 34.58 12.72
N ILE A 95 19.68 35.85 12.44
CA ILE A 95 19.23 36.28 11.11
C ILE A 95 20.38 36.12 10.11
N VAL A 96 21.60 36.41 10.57
CA VAL A 96 22.82 36.25 9.78
C VAL A 96 23.17 34.77 9.58
N GLN A 97 23.01 33.97 10.63
CA GLN A 97 23.15 32.53 10.53
C GLN A 97 22.10 31.97 9.58
N GLN A 98 20.91 32.56 9.59
CA GLN A 98 19.87 32.06 8.72
C GLN A 98 20.13 32.38 7.24
N GLN A 99 20.86 33.46 6.96
CA GLN A 99 21.29 33.77 5.60
C GLN A 99 22.39 32.83 5.10
N ASN A 100 23.33 32.46 5.99
CA ASN A 100 24.38 31.48 5.67
C ASN A 100 23.79 30.11 5.35
N ASN A 101 22.79 29.69 6.11
CA ASN A 101 22.07 28.43 5.83
C ASN A 101 21.38 28.44 4.47
N LEU A 102 20.71 29.55 4.15
CA LEU A 102 20.00 29.64 2.87
C LEU A 102 21.00 29.68 1.71
N LEU A 103 22.10 30.44 1.88
CA LEU A 103 23.16 30.51 0.88
C LEU A 103 23.74 29.12 0.65
N ARG A 104 24.04 28.39 1.73
CA ARG A 104 24.56 27.05 1.58
C ARG A 104 23.57 26.15 0.81
N ALA A 105 22.30 26.29 1.09
CA ALA A 105 21.30 25.45 0.44
C ALA A 105 21.30 25.72 -1.05
N ILE A 106 21.30 27.01 -1.40
CA ILE A 106 21.37 27.48 -2.79
C ILE A 106 22.62 26.91 -3.50
N GLU A 107 23.74 26.87 -2.79
CA GLU A 107 25.02 26.37 -3.35
C GLU A 107 24.94 24.88 -3.64
N ALA A 108 24.42 24.12 -2.69
CA ALA A 108 24.28 22.69 -2.84
C ALA A 108 23.24 22.35 -3.94
N GLN A 109 22.15 23.13 -4.02
CA GLN A 109 21.14 22.95 -5.06
C GLN A 109 21.70 23.28 -6.44
N GLN A 110 22.57 24.28 -6.50
CA GLN A 110 23.24 24.65 -7.74
C GLN A 110 24.17 23.55 -8.26
N HIS A 111 24.91 22.89 -7.35
CA HIS A 111 25.73 21.74 -7.73
C HIS A 111 24.86 20.61 -8.23
N LEU A 112 23.73 20.39 -7.55
CA LEU A 112 22.77 19.38 -7.97
C LEU A 112 22.25 19.70 -9.35
N LEU A 113 21.79 20.93 -9.56
CA LEU A 113 21.34 21.33 -10.89
C LEU A 113 22.41 21.02 -11.95
N GLN A 114 23.63 21.45 -11.72
CA GLN A 114 24.74 21.21 -12.64
C GLN A 114 24.98 19.72 -12.94
N LEU A 115 24.85 18.85 -11.93
CA LEU A 115 24.92 17.41 -12.17
C LEU A 115 23.76 16.89 -13.04
N THR A 116 22.56 17.46 -12.86
CA THR A 116 21.42 17.08 -13.69
C THR A 116 21.62 17.56 -15.13
N VAL A 117 22.11 18.77 -15.30
CA VAL A 117 22.47 19.27 -16.63
C VAL A 117 23.43 18.31 -17.31
N TRP A 118 24.52 17.95 -16.62
CA TRP A 118 25.47 16.95 -17.12
C TRP A 118 24.78 15.66 -17.54
N GLY A 119 23.91 15.14 -16.68
CA GLY A 119 23.10 13.96 -17.00
C GLY A 119 22.34 14.09 -18.31
N ILE A 120 21.69 15.24 -18.48
CA ILE A 120 20.90 15.54 -19.69
C ILE A 120 21.78 15.59 -20.95
N LYS A 121 22.95 16.20 -20.84
CA LYS A 121 23.89 16.29 -21.96
C LYS A 121 24.37 14.91 -22.39
N GLN A 122 24.64 14.04 -21.42
CA GLN A 122 25.10 12.68 -21.71
C GLN A 122 24.04 11.90 -22.47
N LEU A 123 22.79 12.03 -22.01
CA LEU A 123 21.67 11.34 -22.62
C LEU A 123 21.31 11.90 -24.00
N GLN A 124 21.49 13.21 -24.20
CA GLN A 124 21.19 13.81 -25.51
C GLN A 124 22.28 13.49 -26.56
N ALA A 125 23.44 13.05 -26.10
CA ALA A 125 24.50 12.53 -26.98
C ALA A 125 24.36 11.01 -27.15
N ARG A 126 23.10 10.54 -27.16
CA ARG A 126 22.74 9.15 -27.46
C ARG A 126 21.50 9.16 -28.35
N ILE A 127 20.82 10.31 -28.36
CA ILE A 127 19.54 10.48 -29.05
C ILE A 127 19.57 11.70 -29.98
N THR A 137 16.99 24.62 -31.69
CA THR A 137 17.17 23.25 -31.24
C THR A 137 17.77 23.26 -29.83
N TRP A 138 18.75 22.39 -29.58
CA TRP A 138 19.41 22.30 -28.29
C TRP A 138 20.49 23.37 -28.08
N MET A 139 20.82 24.10 -29.14
CA MET A 139 21.80 25.17 -29.09
C MET A 139 21.21 26.37 -28.36
N GLU A 140 19.91 26.62 -28.59
CA GLU A 140 19.17 27.63 -27.86
C GLU A 140 19.14 27.26 -26.37
N TRP A 141 18.88 25.98 -26.11
CA TRP A 141 18.83 25.46 -24.76
C TRP A 141 20.18 25.65 -24.06
N ASP A 142 21.25 25.22 -24.73
CA ASP A 142 22.63 25.38 -24.23
C ASP A 142 22.95 26.82 -23.82
N ARG A 143 22.68 27.75 -24.74
CA ARG A 143 22.89 29.17 -24.51
C ARG A 143 22.16 29.66 -23.25
N GLU A 144 20.90 29.24 -23.10
CA GLU A 144 20.10 29.60 -21.93
C GLU A 144 20.68 29.02 -20.65
N ILE A 145 21.08 27.75 -20.69
CA ILE A 145 21.75 27.08 -19.58
C ILE A 145 22.97 27.88 -19.13
N ASN A 146 23.87 28.19 -20.05
CA ASN A 146 25.07 28.96 -19.72
C ASN A 146 24.80 30.34 -19.14
N ASN A 147 23.84 31.06 -19.72
CA ASN A 147 23.51 32.40 -19.23
C ASN A 147 23.06 32.36 -17.80
N TYR A 148 22.13 31.46 -17.48
CA TYR A 148 21.67 31.35 -16.10
C TYR A 148 22.74 30.79 -15.18
N THR A 149 23.54 29.83 -15.65
CA THR A 149 24.64 29.31 -14.83
C THR A 149 25.63 30.41 -14.45
N SER A 150 26.04 31.22 -15.42
CA SER A 150 26.97 32.34 -15.18
C SER A 150 26.42 33.39 -14.22
N LEU A 151 25.12 33.64 -14.33
CA LEU A 151 24.42 34.62 -13.52
C LEU A 151 24.39 34.14 -12.07
N ILE A 152 23.95 32.91 -11.88
CA ILE A 152 23.88 32.35 -10.54
C ILE A 152 25.27 32.28 -9.88
N HIS A 153 26.28 31.91 -10.66
CA HIS A 153 27.64 31.81 -10.16
C HIS A 153 28.09 33.15 -9.59
N SER A 154 27.73 34.20 -10.29
CA SER A 154 28.04 35.55 -9.90
C SER A 154 27.18 36.04 -8.70
N LEU A 155 25.91 35.63 -8.62
CA LEU A 155 25.07 36.01 -7.48
C LEU A 155 25.51 35.30 -6.22
N ILE A 156 25.87 34.02 -6.38
CA ILE A 156 26.44 33.24 -5.29
C ILE A 156 27.74 33.87 -4.79
N GLU A 157 28.58 34.31 -5.71
CA GLU A 157 29.84 34.92 -5.31
C GLU A 157 29.62 36.22 -4.55
N GLU A 158 28.66 37.03 -5.00
CA GLU A 158 28.36 38.28 -4.31
C GLU A 158 27.78 38.01 -2.92
N SER A 159 26.94 37.00 -2.82
CA SER A 159 26.40 36.53 -1.54
C SER A 159 27.44 36.01 -0.58
N GLN A 160 28.49 35.39 -1.11
CA GLN A 160 29.59 34.90 -0.26
C GLN A 160 30.40 36.05 0.30
N ASN A 161 30.61 37.07 -0.52
CA ASN A 161 31.38 38.23 -0.07
C ASN A 161 30.63 39.04 0.98
N GLN A 162 29.33 39.18 0.79
CA GLN A 162 28.46 39.89 1.71
C GLN A 162 28.31 39.14 3.04
N GLN A 163 28.14 37.82 2.95
CA GLN A 163 28.19 36.96 4.15
C GLN A 163 29.48 37.12 4.95
N GLU A 164 30.62 37.17 4.28
CA GLU A 164 31.91 37.34 4.95
C GLU A 164 31.94 38.70 5.66
N LYS A 165 31.60 39.74 4.90
CA LYS A 165 31.51 41.09 5.43
C LYS A 165 30.58 41.16 6.66
N ASN A 166 29.35 40.61 6.55
CA ASN A 166 28.37 40.58 7.64
C ASN A 166 28.81 39.79 8.85
N GLU A 167 29.45 38.64 8.63
CA GLU A 167 30.01 37.86 9.75
C GLU A 167 31.11 38.63 10.49
N GLN A 168 32.05 39.18 9.73
CA GLN A 168 33.12 40.02 10.27
C GLN A 168 32.60 41.16 11.13
N GLU A 169 31.59 41.89 10.67
CA GLU A 169 30.98 42.97 11.44
C GLU A 169 30.29 42.48 12.69
N LEU A 170 29.68 41.29 12.61
CA LEU A 170 28.94 40.75 13.73
C LEU A 170 29.85 40.38 14.90
N LEU A 171 31.09 40.01 14.61
CA LEU A 171 32.08 39.74 15.67
C LEU A 171 32.50 41.03 16.38
N GLU A 172 32.84 42.06 15.61
CA GLU A 172 33.43 43.29 16.16
C GLU A 172 32.44 44.17 16.95
N GLY A 177 23.35 49.93 11.09
CA GLY A 177 24.85 49.94 11.05
C GLY A 177 25.25 49.58 9.63
N GLN A 178 26.52 49.24 9.47
CA GLN A 178 26.98 48.59 8.27
C GLN A 178 26.28 47.22 8.20
N LEU A 179 26.16 46.59 9.37
CA LEU A 179 25.58 45.26 9.55
C LEU A 179 24.15 45.18 9.00
N LEU A 180 23.29 46.08 9.46
CA LEU A 180 21.91 46.13 8.98
C LEU A 180 21.81 46.28 7.46
N SER A 181 22.60 47.19 6.89
CA SER A 181 22.67 47.41 5.45
C SER A 181 23.04 46.15 4.66
N GLY A 182 24.03 45.42 5.15
CA GLY A 182 24.52 44.21 4.49
C GLY A 182 23.58 43.05 4.75
N ILE A 183 22.90 43.08 5.89
CA ILE A 183 21.83 42.11 6.14
C ILE A 183 20.70 42.29 5.14
N VAL A 184 20.24 43.52 4.98
CA VAL A 184 19.22 43.82 3.95
C VAL A 184 19.70 43.53 2.53
N GLN A 185 20.94 43.92 2.21
CA GLN A 185 21.52 43.60 0.91
C GLN A 185 21.66 42.09 0.69
N GLN A 186 21.86 41.34 1.76
CA GLN A 186 21.98 39.90 1.61
C GLN A 186 20.63 39.23 1.31
N GLN A 187 19.56 39.81 1.82
CA GLN A 187 18.21 39.38 1.42
C GLN A 187 17.94 39.54 -0.09
N ASN A 188 18.35 40.66 -0.67
CA ASN A 188 18.24 40.83 -2.13
C ASN A 188 19.08 39.82 -2.93
N ASN A 189 20.33 39.61 -2.50
CA ASN A 189 21.21 38.57 -3.10
C ASN A 189 20.56 37.18 -3.15
N LEU A 190 20.10 36.68 -2.02
CA LEU A 190 19.49 35.35 -1.93
C LEU A 190 18.27 35.25 -2.80
N LEU A 191 17.44 36.28 -2.80
CA LEU A 191 16.22 36.27 -3.57
C LEU A 191 16.51 36.24 -5.07
N ARG A 192 17.43 37.09 -5.54
CA ARG A 192 17.85 36.99 -6.93
C ARG A 192 18.38 35.59 -7.28
N ALA A 193 19.14 34.97 -6.39
CA ALA A 193 19.77 33.67 -6.74
C ALA A 193 18.69 32.61 -6.89
N ILE A 194 17.72 32.62 -5.99
CA ILE A 194 16.62 31.67 -6.04
C ILE A 194 15.83 31.89 -7.33
N GLU A 195 15.50 33.13 -7.64
CA GLU A 195 14.71 33.42 -8.83
C GLU A 195 15.41 32.95 -10.11
N ALA A 196 16.72 33.07 -10.13
CA ALA A 196 17.51 32.59 -11.25
C ALA A 196 17.56 31.06 -11.27
N GLN A 197 17.63 30.43 -10.10
CA GLN A 197 17.55 28.96 -10.02
C GLN A 197 16.25 28.38 -10.55
N GLN A 198 15.14 29.05 -10.23
CA GLN A 198 13.81 28.73 -10.76
C GLN A 198 13.85 28.60 -12.27
N HIS A 199 14.41 29.60 -12.95
CA HIS A 199 14.55 29.57 -14.42
C HIS A 199 15.37 28.36 -14.89
N LEU A 200 16.52 28.13 -14.23
CA LEU A 200 17.36 26.94 -14.46
C LEU A 200 16.64 25.60 -14.32
N LEU A 201 15.80 25.50 -13.29
CA LEU A 201 14.94 24.34 -13.11
C LEU A 201 13.96 24.12 -14.28
N GLN A 202 13.27 25.18 -14.69
CA GLN A 202 12.37 25.09 -15.82
C GLN A 202 13.09 24.60 -17.08
N LEU A 203 14.33 25.03 -17.28
CA LEU A 203 15.09 24.57 -18.42
C LEU A 203 15.44 23.07 -18.37
N THR A 204 15.84 22.55 -17.19
CA THR A 204 16.20 21.13 -17.07
C THR A 204 14.97 20.23 -17.16
N VAL A 205 13.86 20.67 -16.57
CA VAL A 205 12.57 20.03 -16.81
C VAL A 205 12.28 19.95 -18.33
N TRP A 206 12.47 21.05 -19.03
CA TRP A 206 12.25 21.09 -20.47
C TRP A 206 13.11 20.04 -21.16
N GLY A 207 14.38 19.97 -20.77
CA GLY A 207 15.33 19.03 -21.35
C GLY A 207 14.95 17.58 -21.15
N ILE A 208 14.47 17.24 -19.96
CA ILE A 208 14.07 15.86 -19.68
C ILE A 208 12.86 15.47 -20.50
N LYS A 209 11.88 16.36 -20.58
CA LYS A 209 10.69 16.13 -21.36
C LYS A 209 11.04 15.97 -22.83
N GLN A 210 12.07 16.69 -23.26
CA GLN A 210 12.48 16.63 -24.66
C GLN A 210 13.19 15.33 -24.96
N LEU A 211 13.93 14.79 -23.98
CA LEU A 211 14.57 13.50 -24.16
C LEU A 211 13.61 12.33 -24.11
N GLN A 212 12.70 12.32 -23.13
CA GLN A 212 11.75 11.22 -22.98
C GLN A 212 10.88 11.06 -24.23
N ALA A 213 10.57 12.19 -24.88
CA ALA A 213 9.68 12.24 -26.04
C ALA A 213 10.26 11.57 -27.27
N ARG A 214 11.43 10.94 -27.09
CA ARG A 214 12.19 10.40 -28.21
C ARG A 214 12.53 8.92 -28.06
N ILE A 215 12.30 8.36 -26.87
CA ILE A 215 12.59 6.94 -26.61
C ILE A 215 11.43 5.99 -26.92
N LEU A 216 11.78 4.75 -27.26
CA LEU A 216 10.84 3.66 -27.56
C LEU A 216 10.02 3.93 -28.81
N GLN B 3 -8.62 11.82 -2.12
CA GLN B 3 -7.35 12.02 -2.88
C GLN B 3 -7.19 11.04 -4.04
N LEU B 4 -7.12 9.73 -3.76
CA LEU B 4 -6.98 8.75 -4.87
C LEU B 4 -8.14 7.76 -4.95
N VAL B 5 -8.96 7.89 -5.99
CA VAL B 5 -10.07 6.95 -6.17
C VAL B 5 -10.00 6.14 -7.48
N GLN B 6 -10.00 4.81 -7.33
CA GLN B 6 -9.85 3.89 -8.46
C GLN B 6 -11.18 3.40 -9.02
N SER B 7 -11.18 2.99 -10.29
CA SER B 7 -12.33 2.31 -10.89
C SER B 7 -12.59 0.98 -10.17
N GLY B 8 -13.76 0.38 -10.41
CA GLY B 8 -14.24 -0.76 -9.61
C GLY B 8 -13.78 -2.14 -10.03
N ALA B 9 -14.15 -3.16 -9.26
CA ALA B 9 -13.78 -4.56 -9.50
C ALA B 9 -13.99 -5.02 -10.93
N GLU B 10 -13.04 -5.78 -11.45
CA GLU B 10 -13.08 -6.32 -12.82
C GLU B 10 -13.01 -7.85 -12.81
N VAL B 11 -13.80 -8.48 -13.67
CA VAL B 11 -13.77 -9.93 -13.84
C VAL B 11 -13.45 -10.25 -15.29
N LYS B 12 -12.32 -10.93 -15.48
CA LYS B 12 -11.69 -11.05 -16.81
C LYS B 12 -11.37 -12.51 -17.24
N LYS B 13 -11.56 -12.80 -18.52
CA LYS B 13 -11.15 -14.09 -19.12
C LYS B 13 -9.65 -14.12 -19.39
N PRO B 14 -9.02 -15.31 -19.26
CA PRO B 14 -7.58 -15.44 -19.52
C PRO B 14 -7.23 -15.07 -20.97
N GLY B 15 -6.23 -14.21 -21.15
CA GLY B 15 -5.82 -13.78 -22.50
C GLY B 15 -6.20 -12.34 -22.80
N SER B 16 -7.25 -11.84 -22.15
CA SER B 16 -7.75 -10.48 -22.39
C SER B 16 -7.02 -9.41 -21.59
N SER B 17 -7.51 -8.18 -21.68
CA SER B 17 -6.87 -7.01 -21.08
C SER B 17 -7.75 -6.31 -20.07
N VAL B 18 -7.09 -5.58 -19.17
CA VAL B 18 -7.76 -4.76 -18.19
C VAL B 18 -7.03 -3.42 -18.04
N LYS B 19 -7.77 -2.33 -18.10
CA LYS B 19 -7.23 -1.00 -17.85
C LYS B 19 -7.84 -0.42 -16.57
N VAL B 20 -6.99 -0.25 -15.56
CA VAL B 20 -7.40 0.20 -14.25
C VAL B 20 -7.04 1.67 -14.11
N SER B 21 -7.99 2.47 -13.65
CA SER B 21 -7.79 3.90 -13.57
C SER B 21 -7.69 4.33 -12.13
N CYS B 22 -7.12 5.50 -11.93
CA CYS B 22 -6.97 6.06 -10.59
C CYS B 22 -7.08 7.59 -10.65
N LYS B 23 -8.18 8.13 -10.13
CA LYS B 23 -8.38 9.58 -10.19
C LYS B 23 -7.79 10.26 -8.96
N ALA B 24 -6.96 11.27 -9.20
CA ALA B 24 -6.32 12.05 -8.14
C ALA B 24 -6.93 13.45 -8.03
N SER B 25 -7.36 13.83 -6.83
CA SER B 25 -7.86 15.18 -6.59
C SER B 25 -7.28 15.85 -5.34
N GLY B 26 -7.25 17.18 -5.36
CA GLY B 26 -6.82 17.97 -4.21
C GLY B 26 -5.46 18.64 -4.33
N GLY B 27 -4.65 18.19 -5.28
CA GLY B 27 -3.30 18.74 -5.47
C GLY B 27 -3.01 19.10 -6.91
N THR B 28 -1.78 19.49 -7.19
CA THR B 28 -1.35 19.82 -8.56
C THR B 28 -0.84 18.55 -9.22
N PHE B 29 -1.48 18.17 -10.31
CA PHE B 29 -1.19 16.90 -10.98
C PHE B 29 0.26 16.73 -11.43
N ASN B 30 0.84 17.81 -11.97
CA ASN B 30 2.23 17.82 -12.41
C ASN B 30 3.30 17.66 -11.32
N SER B 31 2.92 17.77 -10.06
CA SER B 31 3.88 17.64 -8.97
C SER B 31 3.80 16.26 -8.33
N TYR B 32 3.04 15.35 -8.96
CA TYR B 32 2.86 14.00 -8.43
C TYR B 32 3.89 12.97 -8.91
N ALA B 33 4.15 11.98 -8.07
CA ALA B 33 4.81 10.75 -8.50
C ALA B 33 3.90 9.57 -8.20
N PHE B 34 3.72 8.69 -9.17
CA PHE B 34 2.82 7.53 -9.05
C PHE B 34 3.52 6.18 -9.24
N SER B 35 3.18 5.21 -8.40
CA SER B 35 3.51 3.81 -8.66
C SER B 35 2.25 2.93 -8.72
N TRP B 36 2.35 1.77 -9.37
CA TRP B 36 1.33 0.74 -9.25
C TRP B 36 1.88 -0.44 -8.50
N VAL B 37 1.06 -0.95 -7.58
CA VAL B 37 1.44 -2.01 -6.66
C VAL B 37 0.31 -3.03 -6.67
N ARG B 38 0.67 -4.31 -6.77
CA ARG B 38 -0.36 -5.33 -6.70
C ARG B 38 -0.14 -6.28 -5.52
N GLN B 39 -1.23 -6.85 -5.06
CA GLN B 39 -1.24 -7.76 -3.93
C GLN B 39 -2.14 -8.93 -4.30
N ALA B 40 -1.55 -10.11 -4.49
CA ALA B 40 -2.31 -11.34 -4.63
C ALA B 40 -2.90 -11.67 -3.26
N PRO B 41 -4.09 -12.31 -3.22
CA PRO B 41 -4.80 -12.65 -1.96
C PRO B 41 -3.99 -13.49 -0.97
N GLY B 42 -3.80 -12.94 0.23
CA GLY B 42 -2.99 -13.57 1.28
C GLY B 42 -1.50 -13.38 1.08
N GLN B 43 -1.13 -12.64 0.03
CA GLN B 43 0.27 -12.47 -0.35
C GLN B 43 0.79 -11.06 -0.09
N GLY B 44 2.07 -10.84 -0.40
CA GLY B 44 2.71 -9.56 -0.19
C GLY B 44 2.41 -8.50 -1.25
N LEU B 45 2.88 -7.29 -0.98
CA LEU B 45 2.81 -6.18 -1.91
C LEU B 45 3.97 -6.29 -2.90
N GLU B 46 3.70 -5.86 -4.14
CA GLU B 46 4.59 -6.05 -5.27
C GLU B 46 4.62 -4.78 -6.14
N TRP B 47 5.80 -4.21 -6.31
CA TRP B 47 5.94 -2.99 -7.13
C TRP B 47 5.98 -3.30 -8.63
N MET B 48 5.12 -2.62 -9.39
CA MET B 48 4.95 -2.91 -10.81
C MET B 48 5.66 -1.93 -11.73
N GLY B 49 5.50 -0.63 -11.43
CA GLY B 49 6.07 0.44 -12.24
C GLY B 49 5.78 1.81 -11.68
N SER B 50 6.37 2.83 -12.32
CA SER B 50 6.18 4.23 -11.94
C SER B 50 5.89 5.15 -13.11
N ILE B 51 5.25 6.28 -12.81
CA ILE B 51 5.10 7.37 -13.76
C ILE B 51 5.20 8.68 -13.00
N ILE B 52 6.02 9.60 -13.51
CA ILE B 52 6.06 10.98 -13.07
C ILE B 52 5.33 11.76 -14.16
N PRO B 53 4.06 12.14 -13.90
CA PRO B 53 3.19 12.72 -14.92
C PRO B 53 3.73 13.95 -15.62
N LEU B 54 4.53 14.75 -14.90
CA LEU B 54 5.16 15.95 -15.48
C LEU B 54 6.03 15.59 -16.67
N PHE B 55 6.64 14.41 -16.63
CA PHE B 55 7.48 13.93 -17.72
C PHE B 55 6.71 13.00 -18.64
N GLY B 56 5.83 12.21 -18.04
CA GLY B 56 4.90 11.39 -18.80
C GLY B 56 5.52 10.17 -19.45
N PHE B 57 6.56 9.62 -18.84
CA PHE B 57 7.10 8.34 -19.29
C PHE B 57 7.14 7.37 -18.12
N VAL B 58 6.77 6.12 -18.40
CA VAL B 58 6.67 5.12 -17.38
C VAL B 58 7.87 4.17 -17.37
N VAL B 59 8.18 3.68 -16.17
CA VAL B 59 9.26 2.74 -15.94
C VAL B 59 8.72 1.48 -15.23
N TYR B 60 9.22 0.31 -15.61
CA TYR B 60 8.66 -0.96 -15.15
C TYR B 60 9.66 -1.90 -14.49
N ALA B 61 9.21 -2.59 -13.46
CA ALA B 61 9.93 -3.76 -12.96
C ALA B 61 9.97 -4.78 -14.10
N GLN B 62 11.14 -5.39 -14.31
CA GLN B 62 11.31 -6.32 -15.45
C GLN B 62 10.30 -7.45 -15.48
N LYS B 63 9.93 -7.94 -14.30
CA LYS B 63 8.89 -8.96 -14.16
C LYS B 63 7.66 -8.65 -15.03
N PHE B 64 7.28 -7.38 -15.10
CA PHE B 64 6.08 -6.95 -15.82
C PHE B 64 6.39 -6.26 -17.14
N GLN B 65 7.68 -6.16 -17.48
CA GLN B 65 8.13 -5.53 -18.72
C GLN B 65 7.38 -6.10 -19.94
N GLY B 66 6.85 -5.20 -20.78
CA GLY B 66 6.21 -5.57 -22.04
C GLY B 66 4.74 -6.00 -21.95
N ARG B 67 4.25 -6.19 -20.73
CA ARG B 67 2.88 -6.64 -20.50
C ARG B 67 2.04 -5.64 -19.73
N VAL B 68 2.68 -4.58 -19.25
CA VAL B 68 1.97 -3.51 -18.58
C VAL B 68 2.33 -2.16 -19.22
N THR B 69 1.30 -1.35 -19.44
CA THR B 69 1.47 0.00 -19.94
C THR B 69 0.90 0.98 -18.91
N ILE B 70 1.71 1.96 -18.51
CA ILE B 70 1.32 2.97 -17.51
C ILE B 70 1.27 4.36 -18.14
N THR B 71 0.09 4.97 -18.12
CA THR B 71 -0.10 6.31 -18.65
C THR B 71 -0.69 7.24 -17.58
N ALA B 72 -0.70 8.53 -17.90
CA ALA B 72 -1.30 9.56 -17.08
C ALA B 72 -2.01 10.58 -17.98
N ASP B 73 -3.09 11.16 -17.49
CA ASP B 73 -3.80 12.17 -18.23
C ASP B 73 -3.92 13.41 -17.36
N GLU B 74 -3.29 14.50 -17.81
CA GLU B 74 -3.32 15.75 -17.06
C GLU B 74 -4.74 16.30 -16.92
N SER B 75 -5.51 16.33 -18.01
CA SER B 75 -6.81 17.04 -18.01
C SER B 75 -7.94 16.34 -17.22
N THR B 76 -7.71 15.07 -16.88
CA THR B 76 -8.66 14.32 -16.07
C THR B 76 -8.06 13.97 -14.72
N SER B 77 -6.77 14.27 -14.54
CA SER B 77 -6.02 13.94 -13.32
C SER B 77 -6.06 12.46 -12.95
N THR B 78 -5.79 11.62 -13.95
CA THR B 78 -5.98 10.19 -13.84
C THR B 78 -4.72 9.47 -14.27
N ALA B 79 -4.33 8.47 -13.48
CA ALA B 79 -3.27 7.53 -13.84
C ALA B 79 -3.90 6.21 -14.25
N TYR B 80 -3.33 5.55 -15.26
CA TYR B 80 -3.85 4.29 -15.74
C TYR B 80 -2.82 3.16 -15.68
N MET B 81 -3.32 1.94 -15.56
CA MET B 81 -2.47 0.76 -15.62
C MET B 81 -3.21 -0.28 -16.45
N GLU B 82 -2.65 -0.61 -17.61
CA GLU B 82 -3.19 -1.65 -18.46
C GLU B 82 -2.31 -2.90 -18.37
N LEU B 83 -2.94 -4.05 -18.13
CA LEU B 83 -2.23 -5.33 -18.09
C LEU B 83 -2.87 -6.28 -19.11
N SER B 84 -2.03 -6.79 -20.02
CA SER B 84 -2.53 -7.55 -21.16
C SER B 84 -2.18 -9.03 -21.02
N SER B 85 -2.70 -9.86 -21.94
CA SER B 85 -2.53 -11.32 -21.86
C SER B 85 -2.70 -11.80 -20.42
N LEU B 86 -3.88 -11.57 -19.86
CA LEU B 86 -4.17 -11.95 -18.48
C LEU B 86 -4.09 -13.46 -18.29
N ARG B 87 -3.62 -13.87 -17.11
CA ARG B 87 -3.68 -15.27 -16.67
C ARG B 87 -4.05 -15.35 -15.18
N SER B 88 -4.37 -16.54 -14.71
CA SER B 88 -5.00 -16.71 -13.39
C SER B 88 -4.17 -16.16 -12.24
N GLU B 89 -2.86 -16.36 -12.29
CA GLU B 89 -1.94 -15.80 -11.29
C GLU B 89 -1.90 -14.26 -11.24
N ASP B 90 -2.55 -13.61 -12.21
CA ASP B 90 -2.70 -12.15 -12.20
C ASP B 90 -3.84 -11.65 -11.31
N THR B 91 -4.61 -12.58 -10.75
CA THR B 91 -5.69 -12.24 -9.83
C THR B 91 -5.09 -11.57 -8.58
N ALA B 92 -5.46 -10.32 -8.37
CA ALA B 92 -4.86 -9.51 -7.31
C ALA B 92 -5.65 -8.23 -7.12
N VAL B 93 -5.36 -7.52 -6.04
CA VAL B 93 -5.81 -6.16 -5.87
C VAL B 93 -4.68 -5.26 -6.36
N TYR B 94 -5.04 -4.26 -7.16
CA TYR B 94 -4.08 -3.31 -7.69
C TYR B 94 -4.33 -1.94 -7.06
N TYR B 95 -3.27 -1.37 -6.50
CA TYR B 95 -3.32 -0.02 -5.94
C TYR B 95 -2.50 0.95 -6.78
N CYS B 96 -3.02 2.17 -6.96
CA CYS B 96 -2.17 3.30 -7.33
C CYS B 96 -1.67 3.89 -6.02
N ALA B 97 -0.44 4.37 -6.00
CA ALA B 97 0.12 4.98 -4.80
C ALA B 97 0.92 6.21 -5.18
N ARG B 98 1.03 7.15 -4.25
CA ARG B 98 1.69 8.41 -4.51
C ARG B 98 2.88 8.55 -3.58
N TYR B 99 4.07 8.79 -4.17
CA TYR B 99 5.24 9.17 -3.40
C TYR B 99 5.69 10.59 -3.76
N PHE B 100 6.79 11.04 -3.15
CA PHE B 100 7.21 12.45 -3.17
C PHE B 100 6.10 13.42 -2.74
N ASP B 101 5.40 13.00 -1.71
CA ASP B 101 4.53 13.82 -0.89
C ASP B 101 5.18 15.17 -0.54
N THR B 102 6.41 15.11 -0.06
CA THR B 102 7.25 16.28 0.13
C THR B 102 8.62 15.97 -0.49
N TYR B 103 9.52 16.95 -0.52
CA TYR B 103 10.85 16.75 -1.14
C TYR B 103 11.61 15.50 -0.63
N ASN B 104 11.39 15.10 0.63
CA ASN B 104 12.12 13.96 1.22
C ASN B 104 11.26 12.73 1.60
N ASN B 105 10.06 12.66 1.06
CA ASN B 105 9.21 11.52 1.28
C ASN B 105 9.29 10.56 0.10
N TYR B 106 10.20 9.60 0.19
CA TYR B 106 10.32 8.54 -0.82
C TYR B 106 9.26 7.45 -0.63
N GLY B 107 8.53 7.47 0.48
CA GLY B 107 7.50 6.47 0.72
C GLY B 107 6.18 6.83 0.04
N PHE B 108 5.24 5.90 0.04
CA PHE B 108 3.95 6.14 -0.59
C PHE B 108 2.93 6.68 0.41
N ALA B 109 2.71 8.00 0.33
CA ALA B 109 1.85 8.72 1.28
C ALA B 109 0.33 8.50 1.08
N ASN B 110 -0.11 8.39 -0.17
CA ASN B 110 -1.54 8.14 -0.46
C ASN B 110 -1.73 6.93 -1.33
N TRP B 111 -2.78 6.19 -1.02
CA TRP B 111 -3.13 4.98 -1.73
C TRP B 111 -4.58 5.10 -2.09
N GLY B 112 -4.93 4.61 -3.28
CA GLY B 112 -6.33 4.42 -3.65
C GLY B 112 -6.87 3.22 -2.89
N GLN B 113 -8.16 2.94 -3.07
CA GLN B 113 -8.84 1.87 -2.34
C GLN B 113 -8.48 0.48 -2.86
N GLY B 114 -7.87 0.43 -4.04
CA GLY B 114 -7.57 -0.84 -4.69
C GLY B 114 -8.66 -1.25 -5.66
N THR B 115 -8.27 -1.94 -6.72
CA THR B 115 -9.24 -2.53 -7.62
C THR B 115 -9.01 -4.05 -7.64
N LEU B 116 -10.07 -4.83 -7.40
CA LEU B 116 -9.96 -6.29 -7.51
C LEU B 116 -10.02 -6.69 -8.97
N VAL B 117 -9.01 -7.42 -9.41
CA VAL B 117 -9.06 -8.04 -10.73
C VAL B 117 -9.05 -9.55 -10.57
N THR B 118 -10.12 -10.17 -11.04
CA THR B 118 -10.27 -11.60 -11.01
C THR B 118 -10.15 -12.15 -12.43
N VAL B 119 -9.16 -13.01 -12.63
CA VAL B 119 -8.97 -13.69 -13.92
C VAL B 119 -9.40 -15.15 -13.81
N SER B 120 -10.49 -15.50 -14.48
CA SER B 120 -11.03 -16.85 -14.48
C SER B 120 -11.64 -17.21 -15.84
N SER B 121 -11.67 -18.51 -16.15
CA SER B 121 -12.29 -18.99 -17.40
C SER B 121 -13.78 -19.31 -17.19
N ALA B 122 -14.24 -19.24 -15.93
CA ALA B 122 -15.66 -19.40 -15.57
C ALA B 122 -16.55 -18.29 -16.13
N SER B 123 -17.84 -18.60 -16.29
CA SER B 123 -18.82 -17.66 -16.80
C SER B 123 -19.93 -17.41 -15.77
N THR B 124 -20.60 -16.27 -15.88
CA THR B 124 -21.65 -15.89 -14.91
C THR B 124 -22.66 -17.01 -14.72
N LYS B 125 -22.87 -17.40 -13.46
CA LYS B 125 -23.74 -18.50 -13.12
C LYS B 125 -24.44 -18.26 -11.79
N GLY B 126 -25.76 -18.45 -11.77
CA GLY B 126 -26.57 -18.30 -10.56
C GLY B 126 -26.44 -19.50 -9.65
N PRO B 127 -26.51 -19.27 -8.33
CA PRO B 127 -26.35 -20.37 -7.37
C PRO B 127 -27.56 -21.33 -7.31
N SER B 128 -27.28 -22.59 -6.95
CA SER B 128 -28.33 -23.49 -6.48
C SER B 128 -28.37 -23.36 -4.95
N VAL B 129 -29.56 -23.17 -4.40
CA VAL B 129 -29.70 -22.98 -2.95
C VAL B 129 -30.36 -24.22 -2.31
N PHE B 130 -29.70 -24.75 -1.29
CA PHE B 130 -30.18 -25.94 -0.61
C PHE B 130 -30.30 -25.68 0.89
N PRO B 131 -31.36 -26.20 1.53
CA PRO B 131 -31.51 -26.00 2.98
C PRO B 131 -30.61 -26.95 3.78
N LEU B 132 -30.10 -26.45 4.91
CA LEU B 132 -29.32 -27.25 5.84
C LEU B 132 -30.16 -27.39 7.10
N ALA B 133 -30.86 -28.51 7.17
CA ALA B 133 -31.93 -28.69 8.12
C ALA B 133 -31.40 -28.87 9.54
N PRO B 134 -32.06 -28.20 10.51
CA PRO B 134 -31.73 -28.40 11.92
C PRO B 134 -32.16 -29.78 12.42
N SER B 135 -31.33 -30.37 13.27
CA SER B 135 -31.62 -31.70 13.82
C SER B 135 -31.36 -31.72 15.32
N SER B 136 -31.20 -32.94 15.86
CA SER B 136 -30.82 -33.23 17.25
C SER B 136 -30.28 -32.01 18.02
N GLY B 142 -29.91 -25.03 24.94
CA GLY B 142 -31.06 -25.24 24.06
C GLY B 142 -31.02 -24.34 22.83
N THR B 143 -29.94 -24.42 22.04
CA THR B 143 -29.85 -23.70 20.78
C THR B 143 -29.54 -24.64 19.61
N ALA B 144 -30.24 -24.46 18.49
CA ALA B 144 -29.94 -25.27 17.30
C ALA B 144 -29.45 -24.40 16.13
N ALA B 145 -28.69 -25.04 15.26
CA ALA B 145 -28.13 -24.39 14.08
C ALA B 145 -28.82 -24.90 12.85
N LEU B 146 -29.18 -23.99 11.96
CA LEU B 146 -29.76 -24.34 10.67
C LEU B 146 -29.15 -23.41 9.64
N GLY B 147 -29.16 -23.77 8.35
CA GLY B 147 -28.53 -22.91 7.36
C GLY B 147 -29.04 -22.98 5.94
N CYS B 148 -28.23 -22.41 5.04
CA CYS B 148 -28.47 -22.48 3.60
C CYS B 148 -27.14 -22.63 2.91
N LEU B 149 -27.06 -23.59 2.00
CA LEU B 149 -25.89 -23.78 1.20
C LEU B 149 -26.11 -23.17 -0.19
N VAL B 150 -25.35 -22.12 -0.46
CA VAL B 150 -25.35 -21.42 -1.74
C VAL B 150 -24.20 -21.97 -2.58
N LYS B 151 -24.55 -22.78 -3.57
CA LYS B 151 -23.61 -23.65 -4.25
C LYS B 151 -23.41 -23.26 -5.72
N ASP B 152 -22.17 -23.38 -6.21
CA ASP B 152 -21.82 -23.25 -7.64
C ASP B 152 -22.32 -21.99 -8.34
N TYR B 153 -21.78 -20.85 -7.92
CA TYR B 153 -22.10 -19.57 -8.54
C TYR B 153 -20.82 -18.83 -8.92
N PHE B 154 -21.00 -17.87 -9.83
CA PHE B 154 -19.91 -17.05 -10.33
C PHE B 154 -20.48 -15.74 -10.90
N PRO B 155 -19.78 -14.60 -10.66
CA PRO B 155 -18.70 -14.47 -9.67
C PRO B 155 -19.23 -14.15 -8.26
N GLU B 156 -18.33 -13.80 -7.35
CA GLU B 156 -18.65 -13.08 -6.13
C GLU B 156 -19.21 -11.69 -6.46
N PRO B 157 -20.04 -11.12 -5.55
CA PRO B 157 -20.45 -11.73 -4.30
C PRO B 157 -21.89 -12.25 -4.32
N VAL B 158 -22.24 -12.98 -3.26
CA VAL B 158 -23.61 -13.32 -2.94
C VAL B 158 -23.96 -12.62 -1.62
N THR B 159 -25.21 -12.20 -1.43
CA THR B 159 -25.64 -11.78 -0.11
C THR B 159 -26.77 -12.67 0.41
N VAL B 160 -26.81 -12.82 1.72
CA VAL B 160 -27.79 -13.67 2.36
C VAL B 160 -28.45 -12.89 3.48
N SER B 161 -29.78 -12.83 3.45
CA SER B 161 -30.50 -12.36 4.60
C SER B 161 -31.36 -13.52 5.15
N TRP B 162 -32.03 -13.27 6.27
CA TRP B 162 -32.88 -14.27 6.90
C TRP B 162 -34.20 -13.63 7.30
N ASN B 163 -35.29 -14.30 6.91
CA ASN B 163 -36.65 -13.85 7.16
C ASN B 163 -36.90 -12.40 6.75
N SER B 164 -36.54 -12.07 5.51
CA SER B 164 -36.71 -10.72 4.97
C SER B 164 -36.03 -9.70 5.88
N GLY B 165 -34.81 -10.01 6.31
CA GLY B 165 -34.03 -9.10 7.15
C GLY B 165 -34.41 -9.07 8.61
N ALA B 166 -35.59 -9.60 8.96
CA ALA B 166 -36.04 -9.64 10.35
C ALA B 166 -35.20 -10.52 11.30
N LEU B 167 -34.43 -11.46 10.76
CA LEU B 167 -33.57 -12.29 11.61
C LEU B 167 -32.10 -11.93 11.49
N THR B 168 -31.58 -11.34 12.56
CA THR B 168 -30.22 -10.79 12.63
C THR B 168 -29.37 -11.51 13.67
N SER B 169 -29.92 -11.75 14.86
CA SER B 169 -29.20 -12.41 15.94
C SER B 169 -28.81 -13.82 15.54
N GLY B 170 -27.55 -14.16 15.82
CA GLY B 170 -27.04 -15.49 15.53
C GLY B 170 -26.83 -15.82 14.06
N VAL B 171 -26.92 -14.81 13.19
CA VAL B 171 -26.61 -15.02 11.77
C VAL B 171 -25.10 -14.98 11.57
N HIS B 172 -24.61 -15.93 10.79
CA HIS B 172 -23.20 -16.02 10.45
C HIS B 172 -23.05 -16.55 9.02
N THR B 173 -22.64 -15.67 8.12
CA THR B 173 -22.44 -16.02 6.72
C THR B 173 -20.95 -16.22 6.40
N PHE B 174 -20.58 -17.44 6.03
CA PHE B 174 -19.18 -17.81 5.87
C PHE B 174 -18.65 -17.35 4.52
N PRO B 175 -17.36 -16.98 4.46
CA PRO B 175 -16.73 -16.61 3.19
C PRO B 175 -16.76 -17.81 2.24
N ALA B 176 -16.71 -17.56 0.94
CA ALA B 176 -16.89 -18.61 -0.07
C ALA B 176 -15.66 -19.48 -0.26
N VAL B 177 -15.87 -20.77 -0.46
CA VAL B 177 -14.80 -21.62 -0.98
C VAL B 177 -14.74 -21.47 -2.50
N LEU B 178 -13.52 -21.30 -3.02
CA LEU B 178 -13.30 -21.38 -4.46
C LEU B 178 -12.97 -22.82 -4.83
N GLN B 179 -13.88 -23.47 -5.56
CA GLN B 179 -13.69 -24.86 -5.99
C GLN B 179 -12.74 -24.96 -7.19
N SER B 180 -12.27 -26.17 -7.47
CA SER B 180 -11.34 -26.39 -8.60
C SER B 180 -12.04 -26.37 -9.98
N SER B 181 -13.35 -26.15 -9.98
CA SER B 181 -14.13 -25.96 -11.20
C SER B 181 -14.16 -24.47 -11.59
N GLY B 182 -13.65 -23.62 -10.70
CA GLY B 182 -13.65 -22.17 -10.91
C GLY B 182 -14.90 -21.50 -10.36
N LEU B 183 -15.75 -22.27 -9.69
CA LEU B 183 -17.02 -21.78 -9.17
C LEU B 183 -16.98 -21.66 -7.65
N TYR B 184 -17.72 -20.69 -7.10
CA TYR B 184 -17.75 -20.51 -5.65
C TYR B 184 -18.94 -21.20 -4.99
N SER B 185 -18.73 -21.66 -3.75
CA SER B 185 -19.82 -22.07 -2.88
C SER B 185 -19.69 -21.42 -1.50
N LEU B 186 -20.84 -21.11 -0.89
CA LEU B 186 -20.91 -20.43 0.40
C LEU B 186 -21.96 -21.11 1.31
N SER B 187 -21.84 -20.90 2.63
CA SER B 187 -22.90 -21.28 3.57
C SER B 187 -23.21 -20.16 4.54
N SER B 188 -24.48 -20.13 4.97
CA SER B 188 -24.95 -19.20 5.98
C SER B 188 -25.73 -19.98 7.02
N VAL B 189 -25.37 -19.82 8.29
CA VAL B 189 -26.07 -20.48 9.39
C VAL B 189 -26.65 -19.46 10.36
N VAL B 190 -27.77 -19.82 10.98
CA VAL B 190 -28.31 -19.07 12.09
C VAL B 190 -28.39 -19.98 13.29
N THR B 191 -28.01 -19.46 14.46
CA THR B 191 -28.27 -20.13 15.73
C THR B 191 -29.60 -19.62 16.26
N VAL B 192 -30.48 -20.54 16.66
CA VAL B 192 -31.85 -20.21 17.09
C VAL B 192 -32.22 -21.02 18.33
N PRO B 193 -33.24 -20.55 19.09
CA PRO B 193 -33.70 -21.35 20.23
C PRO B 193 -34.23 -22.68 19.75
N SER B 194 -33.66 -23.74 20.27
CA SER B 194 -34.09 -25.10 19.95
C SER B 194 -35.61 -25.26 19.96
N SER B 195 -36.26 -24.73 21.00
CA SER B 195 -37.70 -24.88 21.16
C SER B 195 -38.51 -24.13 20.11
N SER B 196 -37.87 -23.39 19.23
CA SER B 196 -38.57 -22.61 18.20
C SER B 196 -38.72 -23.30 16.84
N LEU B 197 -38.13 -24.49 16.69
CA LEU B 197 -38.08 -25.15 15.37
C LEU B 197 -39.43 -25.58 14.77
N GLY B 198 -40.39 -25.97 15.60
CA GLY B 198 -41.71 -26.34 15.09
C GLY B 198 -42.69 -25.17 15.01
N THR B 199 -42.26 -23.99 15.47
CA THR B 199 -43.12 -22.82 15.59
C THR B 199 -42.69 -21.66 14.67
N GLN B 200 -41.44 -21.24 14.77
CA GLN B 200 -40.94 -20.17 13.90
C GLN B 200 -40.58 -20.76 12.54
N THR B 201 -41.06 -20.14 11.47
CA THR B 201 -40.59 -20.53 10.15
C THR B 201 -39.30 -19.75 9.84
N TYR B 202 -38.35 -20.40 9.17
CA TYR B 202 -37.09 -19.76 8.79
C TYR B 202 -36.85 -19.82 7.29
N ILE B 203 -36.54 -18.67 6.71
CA ILE B 203 -36.36 -18.54 5.26
C ILE B 203 -35.10 -17.72 5.02
N CYS B 204 -34.16 -18.32 4.28
CA CYS B 204 -33.00 -17.57 3.84
C CYS B 204 -33.29 -16.93 2.49
N ASN B 205 -32.87 -15.69 2.36
CA ASN B 205 -33.06 -14.93 1.16
C ASN B 205 -31.67 -14.73 0.57
N VAL B 206 -31.53 -15.20 -0.65
CA VAL B 206 -30.26 -15.24 -1.34
C VAL B 206 -30.31 -14.32 -2.56
N ASN B 207 -29.35 -13.41 -2.63
CA ASN B 207 -29.25 -12.48 -3.75
C ASN B 207 -27.87 -12.62 -4.39
N HIS B 208 -27.89 -13.00 -5.68
CA HIS B 208 -26.69 -12.95 -6.53
C HIS B 208 -26.94 -11.97 -7.68
N LYS B 209 -26.56 -10.72 -7.45
CA LYS B 209 -26.78 -9.62 -8.39
C LYS B 209 -26.19 -9.81 -9.82
N PRO B 210 -24.92 -10.31 -9.92
CA PRO B 210 -24.30 -10.50 -11.24
C PRO B 210 -25.13 -11.26 -12.26
N SER B 211 -26.00 -12.16 -11.80
CA SER B 211 -26.87 -12.93 -12.69
C SER B 211 -28.36 -12.68 -12.43
N ASN B 212 -28.66 -11.60 -11.71
CA ASN B 212 -30.04 -11.21 -11.37
C ASN B 212 -30.87 -12.30 -10.65
N THR B 213 -30.21 -13.05 -9.77
CA THR B 213 -30.84 -14.17 -9.04
C THR B 213 -31.29 -13.77 -7.63
N LYS B 214 -32.59 -13.96 -7.38
CA LYS B 214 -33.21 -13.85 -6.07
C LYS B 214 -33.86 -15.20 -5.76
N VAL B 215 -33.44 -15.82 -4.66
CA VAL B 215 -33.99 -17.12 -4.23
C VAL B 215 -34.38 -17.08 -2.75
N ASP B 216 -35.58 -17.59 -2.45
CA ASP B 216 -36.02 -17.80 -1.08
C ASP B 216 -36.10 -19.29 -0.82
N LYS B 217 -35.42 -19.75 0.23
CA LYS B 217 -35.44 -21.15 0.61
C LYS B 217 -35.94 -21.33 2.03
N LYS B 218 -36.97 -22.16 2.19
CA LYS B 218 -37.50 -22.46 3.51
C LYS B 218 -36.70 -23.63 4.10
N VAL B 219 -36.20 -23.44 5.32
CA VAL B 219 -35.42 -24.46 6.00
C VAL B 219 -36.26 -25.06 7.14
N GLU B 220 -36.73 -26.29 6.95
CA GLU B 220 -37.57 -26.96 7.94
C GLU B 220 -36.77 -27.96 8.77
N PRO B 221 -37.24 -28.28 9.99
CA PRO B 221 -36.59 -29.27 10.87
C PRO B 221 -36.54 -30.63 10.21
N LYS B 222 -35.44 -31.38 10.39
CA LYS B 222 -35.41 -32.78 9.92
C LYS B 222 -36.52 -33.55 10.64
N SER B 223 -37.18 -34.44 9.91
CA SER B 223 -38.21 -35.26 10.52
C SER B 223 -37.56 -36.35 11.36
N GLU B 224 -38.22 -36.71 12.46
CA GLU B 224 -37.79 -37.83 13.29
C GLU B 224 -38.49 -39.12 12.87
N PHE B 225 -38.53 -39.34 11.55
CA PHE B 225 -39.13 -40.55 10.96
C PHE B 225 -38.35 -41.00 9.72
N ILE C 2 17.65 -6.94 -5.87
CA ILE C 2 17.67 -6.46 -4.46
C ILE C 2 16.41 -6.91 -3.69
N GLU C 3 16.64 -7.49 -2.52
CA GLU C 3 15.58 -8.11 -1.73
C GLU C 3 15.55 -7.54 -0.32
N LEU C 4 14.37 -7.16 0.12
CA LEU C 4 14.16 -6.84 1.53
C LEU C 4 13.60 -8.09 2.21
N THR C 5 14.17 -8.42 3.36
CA THR C 5 13.74 -9.59 4.10
C THR C 5 13.31 -9.19 5.51
N GLN C 6 12.08 -9.59 5.86
CA GLN C 6 11.53 -9.38 7.20
C GLN C 6 11.18 -10.73 7.83
N PRO C 7 11.16 -10.80 9.18
CA PRO C 7 10.66 -12.04 9.80
C PRO C 7 9.17 -12.25 9.46
N PRO C 8 8.78 -13.50 9.09
CA PRO C 8 7.36 -13.79 8.84
C PRO C 8 6.42 -13.33 9.96
N SER C 9 6.87 -13.44 11.22
CA SER C 9 6.02 -13.12 12.36
C SER C 9 6.78 -12.57 13.56
N VAL C 10 6.12 -11.67 14.30
CA VAL C 10 6.62 -11.13 15.58
C VAL C 10 5.45 -11.06 16.56
N SER C 11 5.71 -11.39 17.83
CA SER C 11 4.67 -11.40 18.86
C SER C 11 5.06 -10.56 20.05
N VAL C 12 4.13 -9.73 20.51
CA VAL C 12 4.39 -8.78 21.59
C VAL C 12 3.32 -8.78 22.69
N VAL C 13 3.77 -8.74 23.95
CA VAL C 13 2.87 -8.52 25.09
C VAL C 13 2.42 -7.04 25.03
N PRO C 14 1.10 -6.77 25.18
CA PRO C 14 0.59 -5.40 25.07
C PRO C 14 1.12 -4.48 26.18
N GLY C 15 1.80 -3.41 25.77
CA GLY C 15 2.49 -2.51 26.69
C GLY C 15 4.00 -2.61 26.53
N GLN C 16 4.46 -3.75 26.03
CA GLN C 16 5.87 -3.98 25.70
C GLN C 16 6.17 -3.37 24.34
N THR C 17 7.46 -3.30 23.98
CA THR C 17 7.84 -2.74 22.68
C THR C 17 8.04 -3.84 21.61
N ALA C 18 7.38 -3.68 20.48
CA ALA C 18 7.57 -4.56 19.32
C ALA C 18 8.64 -3.98 18.39
N ARG C 19 9.47 -4.85 17.82
CA ARG C 19 10.48 -4.46 16.85
C ARG C 19 10.42 -5.35 15.62
N ILE C 20 10.36 -4.73 14.45
CA ILE C 20 10.30 -5.45 13.18
C ILE C 20 11.48 -5.02 12.31
N SER C 21 12.38 -5.96 12.02
CA SER C 21 13.55 -5.63 11.24
C SER C 21 13.35 -5.90 9.75
N CYS C 22 14.15 -5.24 8.93
CA CYS C 22 14.07 -5.35 7.47
C CYS C 22 15.48 -5.22 6.94
N SER C 23 16.05 -6.33 6.49
CA SER C 23 17.43 -6.34 6.05
C SER C 23 17.57 -6.24 4.54
N GLY C 24 18.58 -5.50 4.09
CA GLY C 24 18.87 -5.32 2.67
C GLY C 24 20.36 -5.16 2.44
N ASP C 25 20.76 -5.03 1.17
CA ASP C 25 22.18 -4.79 0.82
C ASP C 25 22.57 -3.38 1.26
N ASN C 26 22.10 -2.38 0.51
CA ASN C 26 22.41 -1.02 0.82
C ASN C 26 21.15 -0.17 0.76
N ILE C 27 20.42 -0.14 1.88
CA ILE C 27 19.30 0.78 2.05
C ILE C 27 19.87 2.20 2.28
N PRO C 28 19.88 3.05 1.21
CA PRO C 28 20.44 4.38 1.41
C PRO C 28 19.65 5.14 2.48
N TYR C 29 20.32 6.04 3.20
CA TYR C 29 19.67 6.82 4.25
C TYR C 29 18.45 7.57 3.68
N GLU C 30 17.37 7.60 4.46
CA GLU C 30 16.09 8.22 4.06
C GLU C 30 15.26 7.46 3.02
N TYR C 31 15.68 6.24 2.65
CA TYR C 31 14.96 5.44 1.63
C TYR C 31 14.00 4.42 2.22
N ALA C 32 14.10 4.16 3.51
CA ALA C 32 13.28 3.13 4.16
C ALA C 32 11.92 3.69 4.56
N SER C 33 10.85 3.07 4.08
CA SER C 33 9.51 3.44 4.57
C SER C 33 8.75 2.22 5.10
N TRP C 34 7.76 2.47 5.98
CA TRP C 34 6.99 1.39 6.62
C TRP C 34 5.49 1.60 6.50
N TYR C 35 4.77 0.47 6.41
CA TYR C 35 3.34 0.47 6.07
C TYR C 35 2.58 -0.46 6.97
N GLN C 36 1.42 0.02 7.44
CA GLN C 36 0.53 -0.80 8.23
C GLN C 36 -0.58 -1.28 7.31
N GLN C 37 -0.89 -2.56 7.38
CA GLN C 37 -2.01 -3.07 6.61
C GLN C 37 -2.90 -4.00 7.42
N LYS C 38 -4.16 -3.62 7.51
CA LYS C 38 -5.16 -4.45 8.19
C LYS C 38 -5.99 -5.19 7.13
N PRO C 39 -6.39 -6.46 7.42
CA PRO C 39 -7.23 -7.26 6.54
C PRO C 39 -8.34 -6.47 5.84
N GLY C 40 -8.35 -6.52 4.50
CA GLY C 40 -9.36 -5.84 3.70
C GLY C 40 -9.11 -4.36 3.42
N GLN C 41 -7.96 -3.86 3.86
CA GLN C 41 -7.70 -2.42 3.79
C GLN C 41 -6.44 -2.07 3.02
N ALA C 42 -6.41 -0.84 2.51
CA ALA C 42 -5.21 -0.27 1.92
C ALA C 42 -4.10 -0.17 2.97
N PRO C 43 -2.83 -0.33 2.54
CA PRO C 43 -1.66 0.00 3.35
C PRO C 43 -1.67 1.47 3.82
N VAL C 44 -1.00 1.73 4.93
CA VAL C 44 -0.94 3.07 5.49
C VAL C 44 0.51 3.34 5.84
N LEU C 45 1.05 4.43 5.30
CA LEU C 45 2.40 4.87 5.63
C LEU C 45 2.55 5.22 7.11
N VAL C 46 3.47 4.56 7.81
CA VAL C 46 3.71 4.85 9.23
C VAL C 46 5.07 5.51 9.53
N ILE C 47 6.10 5.14 8.77
CA ILE C 47 7.41 5.80 8.83
C ILE C 47 7.93 6.03 7.42
N TYR C 48 8.50 7.20 7.18
CA TYR C 48 9.28 7.49 5.98
C TYR C 48 10.57 8.19 6.35
N GLY C 49 11.42 8.45 5.35
CA GLY C 49 12.75 8.97 5.64
C GLY C 49 13.38 7.76 6.27
N ASP C 50 13.64 7.82 7.56
CA ASP C 50 13.96 6.60 8.31
C ASP C 50 13.24 6.63 9.65
N ASN C 51 13.02 7.84 10.16
CA ASN C 51 12.49 8.06 11.50
C ASN C 51 11.38 9.11 11.53
N ASN C 52 10.86 9.45 10.35
CA ASN C 52 9.78 10.42 10.21
C ASN C 52 8.40 9.79 10.25
N ARG C 53 7.57 10.27 11.17
CA ARG C 53 6.15 9.91 11.24
C ARG C 53 5.31 10.97 10.51
N PRO C 54 4.44 10.54 9.58
CA PRO C 54 3.50 11.49 8.96
C PRO C 54 2.48 12.00 9.97
N SER C 55 1.81 13.11 9.63
CA SER C 55 0.74 13.67 10.45
C SER C 55 -0.26 12.59 10.80
N GLY C 56 -0.65 12.52 12.08
CA GLY C 56 -1.64 11.58 12.56
C GLY C 56 -1.10 10.22 12.99
N ILE C 57 0.20 10.01 12.87
CA ILE C 57 0.78 8.72 13.29
C ILE C 57 1.24 8.80 14.76
N PRO C 58 0.74 7.88 15.61
CA PRO C 58 1.01 7.94 17.06
C PRO C 58 2.50 7.95 17.39
N GLU C 59 2.90 8.79 18.35
CA GLU C 59 4.29 8.98 18.75
C GLU C 59 5.03 7.69 19.08
N ARG C 60 4.29 6.64 19.36
CA ARG C 60 4.89 5.37 19.77
C ARG C 60 5.50 4.61 18.58
N PHE C 61 5.38 5.19 17.38
CA PHE C 61 6.01 4.64 16.19
C PHE C 61 7.36 5.32 15.94
N SER C 62 8.39 4.52 15.71
CA SER C 62 9.72 5.06 15.43
C SER C 62 10.48 4.16 14.47
N GLY C 63 11.49 4.70 13.80
CA GLY C 63 12.28 3.95 12.85
C GLY C 63 13.74 4.30 12.90
N SER C 64 14.59 3.38 12.41
CA SER C 64 16.03 3.62 12.32
C SER C 64 16.62 2.88 11.11
N ASN C 65 17.81 3.28 10.69
CA ASN C 65 18.45 2.69 9.51
C ASN C 65 19.97 2.75 9.57
N SER C 66 20.57 1.59 9.83
CA SER C 66 22.02 1.45 9.89
C SER C 66 22.63 1.19 8.51
N GLY C 67 21.80 1.30 7.46
CA GLY C 67 22.23 0.98 6.09
C GLY C 67 22.04 -0.49 5.72
N ASN C 68 22.26 -1.38 6.69
CA ASN C 68 21.97 -2.81 6.49
C ASN C 68 20.64 -3.32 7.08
N THR C 69 20.05 -2.57 8.00
CA THR C 69 18.82 -2.98 8.68
C THR C 69 17.93 -1.79 9.04
N ALA C 70 16.77 -1.72 8.40
CA ALA C 70 15.71 -0.82 8.86
C ALA C 70 14.97 -1.51 9.98
N THR C 71 14.63 -0.75 11.01
CA THR C 71 13.87 -1.30 12.13
C THR C 71 12.65 -0.42 12.36
N LEU C 72 11.49 -1.06 12.46
CA LEU C 72 10.31 -0.40 13.00
C LEU C 72 10.19 -0.77 14.48
N THR C 73 9.92 0.24 15.30
CA THR C 73 9.73 0.07 16.73
C THR C 73 8.36 0.62 17.12
N ILE C 74 7.65 -0.12 17.97
CA ILE C 74 6.39 0.36 18.56
C ILE C 74 6.45 0.15 20.08
N SER C 75 6.73 1.21 20.80
CA SER C 75 6.72 1.17 22.26
C SER C 75 5.29 1.27 22.79
N GLY C 76 4.97 0.43 23.77
CA GLY C 76 3.63 0.40 24.38
C GLY C 76 2.54 -0.09 23.43
N THR C 77 2.88 -1.08 22.61
CA THR C 77 1.95 -1.68 21.62
C THR C 77 0.52 -1.87 22.13
N GLN C 78 -0.44 -1.42 21.33
CA GLN C 78 -1.86 -1.49 21.70
C GLN C 78 -2.56 -2.49 20.79
N ALA C 79 -3.70 -3.00 21.25
CA ALA C 79 -4.53 -3.91 20.45
C ALA C 79 -4.58 -3.51 18.96
N GLU C 80 -4.97 -2.26 18.71
CA GLU C 80 -5.16 -1.70 17.37
C GLU C 80 -3.88 -1.70 16.52
N ASP C 81 -2.75 -2.02 17.13
CA ASP C 81 -1.47 -2.12 16.41
C ASP C 81 -1.27 -3.48 15.74
N GLU C 82 -2.22 -4.40 15.94
CA GLU C 82 -2.22 -5.71 15.28
C GLU C 82 -2.52 -5.59 13.79
N ALA C 83 -1.56 -5.98 12.96
CA ALA C 83 -1.65 -5.88 11.51
C ALA C 83 -0.42 -6.50 10.84
N ASP C 84 -0.37 -6.43 9.51
CA ASP C 84 0.82 -6.77 8.74
C ASP C 84 1.65 -5.52 8.46
N TYR C 85 2.95 -5.63 8.56
CA TYR C 85 3.82 -4.48 8.31
C TYR C 85 4.77 -4.79 7.16
N TYR C 86 4.96 -3.81 6.29
CA TYR C 86 5.90 -3.93 5.16
C TYR C 86 6.90 -2.78 5.19
N CYS C 87 8.11 -3.08 4.73
CA CYS C 87 9.11 -2.05 4.48
C CYS C 87 9.23 -1.89 2.97
N ALA C 88 9.56 -0.67 2.55
CA ALA C 88 9.82 -0.42 1.13
C ALA C 88 11.08 0.42 1.00
N SER C 89 11.63 0.43 -0.22
CA SER C 89 12.88 1.09 -0.51
C SER C 89 13.04 1.16 -2.03
N TRP C 90 14.08 1.83 -2.50
CA TRP C 90 14.30 1.93 -3.94
C TRP C 90 15.70 1.44 -4.23
N ASP C 91 15.90 0.90 -5.42
CA ASP C 91 17.24 0.59 -5.90
C ASP C 91 17.91 1.93 -6.17
N SER C 92 19.15 2.05 -5.72
CA SER C 92 19.90 3.30 -5.84
C SER C 92 20.12 3.75 -7.28
N MET C 93 20.42 2.79 -8.17
CA MET C 93 20.80 3.10 -9.55
C MET C 93 19.62 3.17 -10.51
N THR C 94 18.80 2.12 -10.53
CA THR C 94 17.71 2.01 -11.50
C THR C 94 16.34 2.37 -10.93
N VAL C 95 16.33 2.91 -9.71
CA VAL C 95 15.11 3.37 -9.01
C VAL C 95 13.83 2.52 -9.17
N ASP C 96 14.00 1.20 -9.05
CA ASP C 96 12.87 0.32 -8.90
C ASP C 96 12.48 0.27 -7.42
N GLY C 97 11.19 0.16 -7.15
CA GLY C 97 10.71 -0.04 -5.79
C GLY C 97 10.68 -1.51 -5.42
N VAL C 98 10.96 -1.81 -4.16
CA VAL C 98 10.73 -3.15 -3.62
C VAL C 98 10.14 -3.06 -2.22
N PHE C 99 9.35 -4.08 -1.88
CA PHE C 99 8.79 -4.20 -0.55
C PHE C 99 9.45 -5.38 0.16
N GLY C 100 9.49 -5.33 1.49
CA GLY C 100 9.76 -6.52 2.28
C GLY C 100 8.62 -7.50 2.13
N GLY C 101 8.86 -8.75 2.51
CA GLY C 101 7.86 -9.80 2.38
C GLY C 101 6.67 -9.59 3.28
N GLY C 102 6.81 -8.70 4.25
CA GLY C 102 5.79 -8.48 5.27
C GLY C 102 6.04 -9.26 6.54
N THR C 103 5.43 -8.78 7.63
CA THR C 103 5.54 -9.35 8.97
C THR C 103 4.17 -9.31 9.63
N LYS C 104 3.69 -10.47 10.08
CA LYS C 104 2.45 -10.54 10.83
C LYS C 104 2.75 -10.32 12.31
N LEU C 105 2.30 -9.16 12.83
CA LEU C 105 2.52 -8.79 14.22
C LEU C 105 1.32 -9.20 15.06
N THR C 106 1.56 -10.06 16.05
CA THR C 106 0.50 -10.47 16.96
C THR C 106 0.65 -9.81 18.32
N VAL C 107 -0.43 -9.17 18.78
CA VAL C 107 -0.51 -8.64 20.14
C VAL C 107 -1.18 -9.70 21.05
N LEU C 108 -0.42 -10.20 22.01
CA LEU C 108 -0.88 -11.25 22.93
C LEU C 108 -1.89 -10.72 23.95
N GLY C 109 -2.67 -11.62 24.55
CA GLY C 109 -3.64 -11.23 25.57
C GLY C 109 -4.98 -11.93 25.44
N GLN C 110 -5.54 -11.92 24.23
CA GLN C 110 -6.79 -12.64 23.94
C GLN C 110 -6.56 -14.14 24.20
N PRO C 111 -7.48 -14.78 24.96
CA PRO C 111 -7.36 -16.17 25.38
C PRO C 111 -7.56 -17.18 24.25
N LYS C 112 -6.98 -18.37 24.41
CA LYS C 112 -7.24 -19.48 23.51
C LYS C 112 -8.73 -19.81 23.54
N ALA C 113 -9.30 -20.07 22.36
CA ALA C 113 -10.67 -20.53 22.24
C ALA C 113 -10.72 -21.68 21.25
N ALA C 114 -11.16 -22.84 21.72
CA ALA C 114 -11.41 -24.00 20.86
C ALA C 114 -12.56 -23.68 19.89
N PRO C 115 -12.52 -24.24 18.66
CA PRO C 115 -13.59 -23.97 17.67
C PRO C 115 -14.95 -24.61 18.01
N SER C 116 -16.03 -23.93 17.63
CA SER C 116 -17.37 -24.51 17.63
C SER C 116 -17.63 -25.06 16.21
N VAL C 117 -17.85 -26.36 16.09
CA VAL C 117 -18.02 -26.98 14.78
C VAL C 117 -19.37 -27.64 14.59
N THR C 118 -19.96 -27.36 13.42
CA THR C 118 -21.23 -27.96 13.00
C THR C 118 -21.07 -28.61 11.65
N LEU C 119 -21.52 -29.86 11.57
CA LEU C 119 -21.46 -30.66 10.37
C LEU C 119 -22.90 -30.91 9.91
N PHE C 120 -23.20 -30.60 8.65
CA PHE C 120 -24.50 -30.93 8.06
C PHE C 120 -24.33 -31.98 6.99
N PRO C 121 -25.31 -32.91 6.90
CA PRO C 121 -25.31 -33.91 5.83
C PRO C 121 -25.86 -33.27 4.55
N PRO C 122 -25.81 -34.01 3.41
CA PRO C 122 -26.55 -33.51 2.23
C PRO C 122 -28.08 -33.43 2.49
N SER C 123 -28.72 -32.42 1.94
CA SER C 123 -30.15 -32.27 1.99
C SER C 123 -30.81 -33.22 1.00
N SER C 124 -32.11 -33.48 1.22
CA SER C 124 -32.93 -34.23 0.26
C SER C 124 -32.88 -33.64 -1.14
N GLU C 125 -33.10 -32.32 -1.22
CA GLU C 125 -33.19 -31.62 -2.49
C GLU C 125 -31.93 -31.75 -3.33
N GLU C 126 -30.77 -31.71 -2.66
CA GLU C 126 -29.49 -31.92 -3.33
C GLU C 126 -29.35 -33.37 -3.81
N LEU C 127 -29.67 -34.33 -2.94
CA LEU C 127 -29.63 -35.74 -3.31
C LEU C 127 -30.56 -36.02 -4.52
N GLN C 128 -31.72 -35.38 -4.53
CA GLN C 128 -32.64 -35.45 -5.68
C GLN C 128 -32.09 -34.73 -6.91
N ALA C 129 -31.21 -33.75 -6.68
CA ALA C 129 -30.52 -33.06 -7.77
C ALA C 129 -29.25 -33.82 -8.18
N ASN C 130 -29.15 -35.07 -7.74
CA ASN C 130 -28.07 -35.99 -8.13
C ASN C 130 -26.67 -35.64 -7.61
N LYS C 131 -26.60 -34.78 -6.58
CA LYS C 131 -25.33 -34.35 -5.98
C LYS C 131 -25.38 -34.48 -4.45
N ALA C 132 -24.21 -34.48 -3.81
CA ALA C 132 -24.13 -34.60 -2.36
C ALA C 132 -22.93 -33.83 -1.80
N THR C 133 -23.20 -32.86 -0.95
CA THR C 133 -22.10 -32.14 -0.29
C THR C 133 -22.33 -32.02 1.21
N LEU C 134 -21.32 -32.45 1.98
CA LEU C 134 -21.32 -32.28 3.44
C LEU C 134 -20.66 -30.95 3.79
N VAL C 135 -21.23 -30.27 4.79
CA VAL C 135 -20.80 -28.92 5.12
C VAL C 135 -20.31 -28.87 6.56
N CYS C 136 -19.03 -28.50 6.73
CA CYS C 136 -18.42 -28.34 8.02
C CYS C 136 -18.13 -26.86 8.33
N LEU C 137 -18.92 -26.29 9.26
CA LEU C 137 -18.75 -24.89 9.69
C LEU C 137 -17.94 -24.78 10.98
N ILE C 138 -16.90 -23.95 10.95
CA ILE C 138 -15.94 -23.86 12.04
C ILE C 138 -15.79 -22.40 12.47
N SER C 139 -16.21 -22.10 13.70
CA SER C 139 -16.19 -20.73 14.18
C SER C 139 -15.68 -20.60 15.62
N ASP C 140 -15.39 -19.35 16.00
CA ASP C 140 -15.09 -18.93 17.37
C ASP C 140 -13.78 -19.47 17.92
N PHE C 141 -12.77 -19.52 17.05
CA PHE C 141 -11.43 -19.92 17.49
C PHE C 141 -10.39 -18.80 17.45
N TYR C 142 -9.41 -18.92 18.35
CA TYR C 142 -8.25 -18.04 18.40
C TYR C 142 -7.15 -18.88 19.04
N PRO C 143 -5.91 -18.82 18.49
CA PRO C 143 -5.43 -18.13 17.28
C PRO C 143 -6.01 -18.71 15.98
N GLY C 144 -5.89 -17.96 14.89
CA GLY C 144 -6.57 -18.30 13.63
C GLY C 144 -5.94 -19.34 12.74
N ALA C 145 -5.35 -20.38 13.32
CA ALA C 145 -4.83 -21.50 12.53
C ALA C 145 -5.55 -22.78 12.91
N VAL C 146 -5.91 -23.57 11.92
CA VAL C 146 -6.72 -24.76 12.14
C VAL C 146 -6.41 -25.77 11.04
N THR C 147 -6.51 -27.06 11.35
CA THR C 147 -6.44 -28.10 10.31
C THR C 147 -7.68 -29.01 10.31
N VAL C 148 -8.12 -29.37 9.11
CA VAL C 148 -9.35 -30.11 8.90
C VAL C 148 -9.03 -31.41 8.16
N ALA C 149 -9.53 -32.53 8.69
CA ALA C 149 -9.43 -33.84 8.03
C ALA C 149 -10.82 -34.47 8.02
N TRP C 150 -11.12 -35.24 6.98
CA TRP C 150 -12.43 -35.92 6.88
C TRP C 150 -12.22 -37.43 6.96
N LYS C 151 -13.16 -38.12 7.59
CA LYS C 151 -13.14 -39.57 7.63
C LYS C 151 -14.47 -40.17 7.18
N ALA C 152 -14.40 -41.28 6.46
CA ALA C 152 -15.56 -42.08 6.10
C ALA C 152 -15.36 -43.47 6.69
N ASP C 153 -16.12 -43.80 7.74
CA ASP C 153 -16.02 -45.08 8.45
C ASP C 153 -14.63 -45.38 9.01
N SER C 154 -14.06 -44.42 9.76
CA SER C 154 -12.71 -44.58 10.33
C SER C 154 -11.58 -44.38 9.33
N SER C 155 -11.92 -44.27 8.05
CA SER C 155 -10.92 -44.11 6.99
C SER C 155 -10.85 -42.69 6.43
N PRO C 156 -9.63 -42.14 6.28
CA PRO C 156 -9.42 -40.75 5.81
C PRO C 156 -9.85 -40.56 4.35
N VAL C 157 -10.44 -39.39 4.06
CA VAL C 157 -10.94 -39.08 2.72
C VAL C 157 -10.17 -37.90 2.13
N LYS C 158 -9.44 -38.16 1.04
CA LYS C 158 -8.62 -37.15 0.37
C LYS C 158 -9.38 -36.41 -0.75
N ALA C 159 -10.02 -37.18 -1.63
CA ALA C 159 -10.73 -36.62 -2.77
C ALA C 159 -11.98 -35.83 -2.41
N GLY C 160 -12.20 -34.72 -3.13
CA GLY C 160 -13.43 -33.95 -3.03
C GLY C 160 -13.54 -33.11 -1.78
N VAL C 161 -12.39 -32.69 -1.24
CA VAL C 161 -12.34 -31.82 -0.07
C VAL C 161 -11.89 -30.42 -0.47
N GLU C 162 -12.68 -29.43 -0.10
CA GLU C 162 -12.27 -28.05 -0.26
C GLU C 162 -12.49 -27.31 1.05
N THR C 163 -11.41 -26.78 1.62
CA THR C 163 -11.52 -25.96 2.83
C THR C 163 -10.99 -24.54 2.66
N THR C 164 -11.67 -23.57 3.27
CA THR C 164 -11.25 -22.17 3.15
C THR C 164 -10.17 -21.89 4.16
N THR C 165 -9.41 -20.83 3.89
CA THR C 165 -8.43 -20.36 4.86
C THR C 165 -9.13 -19.36 5.78
N PRO C 166 -8.86 -19.42 7.09
CA PRO C 166 -9.65 -18.74 8.12
C PRO C 166 -9.71 -17.22 8.00
N SER C 167 -10.81 -16.64 8.46
CA SER C 167 -11.02 -15.20 8.37
C SER C 167 -11.48 -14.62 9.70
N LYS C 168 -11.08 -13.38 10.00
CA LYS C 168 -11.48 -12.72 11.26
C LYS C 168 -12.97 -12.31 11.27
N GLN C 169 -13.69 -12.79 12.29
CA GLN C 169 -15.15 -12.63 12.37
C GLN C 169 -15.66 -11.20 12.57
N SER C 170 -15.90 -10.82 13.82
CA SER C 170 -16.52 -9.54 14.16
C SER C 170 -16.05 -9.21 15.57
N ASN C 171 -16.30 -10.13 16.51
CA ASN C 171 -15.41 -10.26 17.66
C ASN C 171 -14.07 -10.66 17.05
N ASN C 172 -13.00 -10.71 17.85
CA ASN C 172 -11.71 -11.02 17.24
C ASN C 172 -11.39 -12.50 17.11
N LYS C 173 -12.40 -13.32 16.83
CA LYS C 173 -12.20 -14.74 16.58
C LYS C 173 -12.25 -15.07 15.09
N TYR C 174 -11.89 -16.30 14.78
CA TYR C 174 -11.71 -16.75 13.40
C TYR C 174 -12.72 -17.81 12.96
N ALA C 175 -13.00 -17.82 11.66
CA ALA C 175 -13.96 -18.76 11.07
C ALA C 175 -13.35 -19.43 9.85
N ALA C 176 -13.79 -20.64 9.58
CA ALA C 176 -13.38 -21.37 8.39
C ALA C 176 -14.48 -22.37 8.03
N SER C 177 -14.46 -22.88 6.80
CA SER C 177 -15.46 -23.86 6.40
C SER C 177 -14.82 -24.93 5.51
N SER C 178 -15.31 -26.16 5.62
CA SER C 178 -14.81 -27.25 4.80
C SER C 178 -15.97 -28.01 4.19
N TYR C 179 -15.73 -28.54 2.99
CA TYR C 179 -16.75 -29.13 2.16
C TYR C 179 -16.23 -30.39 1.54
N LEU C 180 -17.02 -31.46 1.64
CA LEU C 180 -16.71 -32.74 1.02
C LEU C 180 -17.78 -33.06 0.01
N SER C 181 -17.35 -33.33 -1.22
CA SER C 181 -18.23 -33.61 -2.35
C SER C 181 -18.29 -35.09 -2.68
N LEU C 182 -19.51 -35.61 -2.73
CA LEU C 182 -19.73 -37.00 -3.00
C LEU C 182 -20.86 -37.11 -4.01
N THR C 183 -21.00 -38.29 -4.61
CA THR C 183 -22.22 -38.64 -5.31
C THR C 183 -23.20 -39.18 -4.28
N PRO C 184 -24.51 -39.18 -4.61
CA PRO C 184 -25.51 -39.80 -3.76
C PRO C 184 -25.19 -41.25 -3.39
N GLU C 185 -24.71 -42.02 -4.36
CA GLU C 185 -24.34 -43.43 -4.14
C GLU C 185 -23.20 -43.55 -3.13
N GLN C 186 -22.13 -42.79 -3.33
CA GLN C 186 -21.03 -42.72 -2.37
C GLN C 186 -21.52 -42.43 -0.95
N TRP C 187 -22.34 -41.41 -0.81
CA TRP C 187 -22.89 -41.01 0.49
C TRP C 187 -23.69 -42.12 1.18
N LYS C 188 -24.59 -42.75 0.44
CA LYS C 188 -25.55 -43.69 1.03
C LYS C 188 -24.99 -45.04 1.43
N SER C 189 -23.69 -45.27 1.18
CA SER C 189 -23.07 -46.59 1.40
C SER C 189 -21.88 -46.59 2.40
N HIS C 190 -21.98 -45.74 3.42
CA HIS C 190 -21.05 -45.75 4.55
C HIS C 190 -21.86 -45.50 5.83
N ARG C 191 -21.45 -46.16 6.92
CA ARG C 191 -22.13 -46.00 8.22
C ARG C 191 -22.14 -44.54 8.69
N SER C 192 -21.04 -43.84 8.45
CA SER C 192 -20.85 -42.47 8.94
C SER C 192 -19.69 -41.70 8.27
N TYR C 193 -19.79 -40.37 8.33
CA TYR C 193 -18.71 -39.48 7.91
C TYR C 193 -18.44 -38.51 9.02
N SER C 194 -17.20 -38.04 9.12
CA SER C 194 -16.86 -37.09 10.15
C SER C 194 -15.95 -35.96 9.69
N CYS C 195 -16.13 -34.79 10.31
CA CYS C 195 -15.25 -33.65 10.16
C CYS C 195 -14.34 -33.57 11.39
N GLN C 196 -13.03 -33.62 11.18
CA GLN C 196 -12.06 -33.49 12.29
C GLN C 196 -11.32 -32.17 12.24
N VAL C 197 -11.54 -31.36 13.26
CA VAL C 197 -10.95 -30.03 13.30
C VAL C 197 -9.93 -30.02 14.41
N THR C 198 -8.69 -29.71 14.05
CA THR C 198 -7.58 -29.78 15.00
C THR C 198 -7.08 -28.36 15.22
N HIS C 199 -7.03 -27.97 16.49
CA HIS C 199 -6.69 -26.62 16.88
C HIS C 199 -5.74 -26.66 18.06
N GLU C 200 -4.55 -26.10 17.89
CA GLU C 200 -3.53 -26.09 18.95
C GLU C 200 -3.32 -27.50 19.52
N GLY C 201 -3.09 -28.46 18.63
CA GLY C 201 -2.82 -29.85 19.01
C GLY C 201 -3.94 -30.62 19.71
N SER C 202 -5.17 -30.12 19.62
CA SER C 202 -6.34 -30.81 20.18
C SER C 202 -7.47 -30.80 19.14
N THR C 203 -8.17 -31.93 19.03
CA THR C 203 -9.09 -32.16 17.90
C THR C 203 -10.55 -32.31 18.32
N VAL C 204 -11.41 -31.53 17.66
CA VAL C 204 -12.86 -31.61 17.80
C VAL C 204 -13.41 -32.40 16.61
N GLU C 205 -14.33 -33.31 16.89
CA GLU C 205 -14.90 -34.18 15.88
C GLU C 205 -16.42 -34.09 15.86
N LYS C 206 -16.99 -34.00 14.66
CA LYS C 206 -18.43 -34.09 14.47
C LYS C 206 -18.76 -35.16 13.44
N THR C 207 -19.73 -36.02 13.77
CA THR C 207 -20.08 -37.15 12.91
C THR C 207 -21.50 -37.02 12.38
N VAL C 208 -21.73 -37.57 11.19
CA VAL C 208 -23.01 -37.50 10.52
C VAL C 208 -23.27 -38.89 9.85
N ALA C 209 -24.54 -39.23 9.61
CA ALA C 209 -24.93 -40.56 9.10
C ALA C 209 -26.19 -40.52 8.22
N PRO C 210 -26.18 -41.28 7.10
CA PRO C 210 -27.28 -41.37 6.13
C PRO C 210 -28.63 -41.77 6.73
N THR C 211 -29.66 -41.12 6.26
CA THR C 211 -31.04 -41.39 6.67
C THR C 211 -31.42 -42.86 6.56
#